data_6ZFN
#
_entry.id   6ZFN
#
_cell.length_a   42.752
_cell.length_b   81.680
_cell.length_c   52.994
_cell.angle_alpha   90.000
_cell.angle_beta   92.934
_cell.angle_gamma   90.000
#
_symmetry.space_group_name_H-M   'P 1 21 1'
#
loop_
_entity.id
_entity.type
_entity.pdbx_description
1 polymer 'Glycoprotein endo-alpha-1,2-mannosidase'
2 branched 'alpha-D-mannopyranose-(1-2)-methyl alpha-D-mannopyranoside'
3 non-polymer 'SULFATE ION'
4 water water
#
_entity_poly.entity_id   1
_entity_poly.type   'polypeptide(L)'
_entity_poly.pdbx_seq_one_letter_code
;MNHKVHHHHHHIEGRHMPLNNYLHVFYYSWYGNPQFDGKYIHWNHPVLEHWDPRIAKNYPQGRHNPPDDIGSSFYPELGS
YSSRDPSVIETHMRQMRSASIGVLALSWYPPDVNDENGEPTDNLVPTILDKAHKYNLKVTFHIEPYSNRDDQNMYKNVKY
IIDKYGNHPAFYRYKTKTGNALPMFYVYDSYITKPEKWANLLTTSGSRSIRNSPYDGLFIALLVEEKHKYDILQSGFDGI
YTYFATNGFTYGSSHQNWASLKLFCDKYNLIFIPSVGPGYIDTSIRPWNTQNTRNRINGKYYEIGLSAALQTRPSLISIT
SFNQWHEGTQIEKAVPKRTSNTVYLDYRPHKPGLYLELTRKWSEKYSKERATYALDRQLPVS
;
_entity_poly.pdbx_strand_id   AAA
#
loop_
_chem_comp.id
_chem_comp.type
_chem_comp.name
_chem_comp.formula
MAN D-saccharide, alpha linking alpha-D-mannopyranose 'C6 H12 O6'
MMA D-saccharide 'methyl alpha-D-mannopyranoside' 'C7 H14 O6'
SO4 non-polymer 'SULFATE ION' 'O4 S -2'
#
# COMPACT_ATOMS: atom_id res chain seq x y z
N GLY A 14 25.73 7.30 14.74
CA GLY A 14 25.11 7.88 15.92
C GLY A 14 23.73 7.35 16.19
N ARG A 15 23.02 8.09 17.01
CA ARG A 15 21.61 7.84 17.20
C ARG A 15 20.91 7.92 15.96
N HIS A 16 19.84 7.18 15.90
CA HIS A 16 18.97 7.36 14.78
C HIS A 16 17.55 7.13 15.20
N MET A 17 16.64 7.62 14.38
CA MET A 17 15.21 7.37 14.59
CA MET A 17 15.20 7.40 14.57
CA MET A 17 15.24 7.35 14.61
C MET A 17 14.87 5.93 14.21
N PRO A 18 14.06 5.23 15.02
CA PRO A 18 13.68 3.87 14.76
C PRO A 18 12.57 3.77 13.74
N LEU A 19 12.49 2.64 13.09
CA LEU A 19 11.34 2.34 12.23
C LEU A 19 10.19 1.84 13.09
N ASN A 20 8.96 2.20 12.73
CA ASN A 20 7.79 1.62 13.35
C ASN A 20 7.43 0.37 12.57
N ASN A 21 7.64 -0.79 13.23
CA ASN A 21 7.46 -2.05 12.65
C ASN A 21 5.99 -2.41 12.31
N TYR A 22 5.06 -1.57 12.80
CA TYR A 22 3.63 -1.77 12.71
C TYR A 22 2.96 -0.77 11.78
N LEU A 23 3.79 -0.02 11.01
CA LEU A 23 3.31 0.98 10.06
C LEU A 23 3.72 0.54 8.68
N HIS A 24 2.73 0.34 7.81
CA HIS A 24 2.93 -0.13 6.45
C HIS A 24 2.56 1.00 5.46
N VAL A 25 3.24 1.04 4.33
CA VAL A 25 2.91 2.03 3.31
C VAL A 25 2.74 1.33 1.96
N PHE A 26 1.72 1.69 1.18
CA PHE A 26 1.52 1.09 -0.12
C PHE A 26 2.47 1.68 -1.13
N TYR A 27 3.25 0.81 -1.79
CA TYR A 27 4.36 1.16 -2.69
C TYR A 27 4.14 0.57 -4.08
N TYR A 28 4.51 1.35 -5.07
CA TYR A 28 4.29 0.99 -6.47
C TYR A 28 5.61 1.02 -7.20
N SER A 29 5.86 -0.01 -8.05
CA SER A 29 7.11 -0.20 -8.78
C SER A 29 6.92 -0.22 -10.29
N TRP A 30 5.89 0.48 -10.78
CA TRP A 30 5.43 0.38 -12.16
C TRP A 30 5.88 1.52 -13.06
N TYR A 31 6.72 2.43 -12.57
CA TYR A 31 7.14 3.58 -13.38
C TYR A 31 8.35 3.25 -14.23
N GLY A 32 8.35 3.78 -15.46
CA GLY A 32 9.49 3.58 -16.35
C GLY A 32 9.79 4.83 -17.15
N ASN A 33 11.02 4.93 -17.64
CA ASN A 33 11.40 6.04 -18.49
C ASN A 33 12.34 5.54 -19.61
N PRO A 34 12.65 6.41 -20.58
CA PRO A 34 13.47 5.93 -21.68
C PRO A 34 14.84 5.46 -21.21
N GLN A 35 15.47 6.19 -20.29
CA GLN A 35 16.84 5.85 -19.90
C GLN A 35 16.96 4.42 -19.38
N PHE A 36 16.02 4.00 -18.53
CA PHE A 36 16.11 2.69 -17.87
C PHE A 36 15.25 1.61 -18.49
N ASP A 37 14.20 2.00 -19.20
CA ASP A 37 13.19 1.08 -19.66
C ASP A 37 12.98 1.09 -21.18
N GLY A 38 13.57 2.07 -21.86
CA GLY A 38 13.38 2.21 -23.29
C GLY A 38 12.17 3.01 -23.72
N LYS A 39 11.28 3.34 -22.79
CA LYS A 39 10.07 4.11 -23.07
CA LYS A 39 10.07 4.11 -23.07
C LYS A 39 9.52 4.57 -21.74
N TYR A 40 8.63 5.56 -21.76
CA TYR A 40 7.86 5.87 -20.57
C TYR A 40 6.88 4.76 -20.29
N ILE A 41 6.68 4.48 -18.98
CA ILE A 41 5.70 3.53 -18.52
C ILE A 41 5.02 4.16 -17.32
N HIS A 42 3.69 4.15 -17.31
CA HIS A 42 2.83 4.73 -16.29
C HIS A 42 2.85 6.25 -16.28
N TRP A 43 3.99 6.93 -16.42
CA TRP A 43 3.95 8.39 -16.47
C TRP A 43 3.16 8.90 -17.64
N ASN A 44 3.17 8.15 -18.76
CA ASN A 44 2.39 8.46 -19.95
C ASN A 44 1.00 7.81 -19.89
N HIS A 45 0.33 7.95 -18.75
CA HIS A 45 -0.91 7.26 -18.50
C HIS A 45 -1.99 7.84 -19.42
N PRO A 46 -2.89 6.98 -19.92
CA PRO A 46 -4.07 7.48 -20.62
C PRO A 46 -5.01 8.30 -19.71
N VAL A 47 -5.78 9.15 -20.35
CA VAL A 47 -6.87 9.83 -19.68
C VAL A 47 -8.13 9.00 -19.93
N LEU A 48 -8.82 8.63 -18.85
CA LEU A 48 -9.90 7.63 -18.84
C LEU A 48 -11.29 8.23 -18.86
N GLU A 49 -12.21 7.56 -19.56
CA GLU A 49 -13.63 7.99 -19.60
C GLU A 49 -14.46 7.36 -18.46
N HIS A 50 -15.55 8.03 -18.04
CA HIS A 50 -16.30 7.62 -16.83
CA HIS A 50 -16.31 7.61 -16.85
C HIS A 50 -17.02 6.26 -17.02
N TRP A 51 -17.37 5.91 -18.25
CA TRP A 51 -18.09 4.65 -18.51
C TRP A 51 -17.14 3.51 -18.76
N GLY A 62 -4.52 10.25 -26.53
CA GLY A 62 -5.03 10.76 -25.25
C GLY A 62 -4.22 10.31 -24.05
N ARG A 63 -2.89 10.45 -24.16
CA ARG A 63 -2.02 10.02 -23.10
C ARG A 63 -1.19 11.24 -22.78
N HIS A 64 -0.76 11.31 -21.54
CA HIS A 64 0.20 12.29 -21.11
C HIS A 64 1.54 12.11 -21.81
N ASN A 65 2.29 13.22 -21.95
CA ASN A 65 3.56 13.30 -22.69
CA ASN A 65 3.59 13.27 -22.67
C ASN A 65 4.74 13.66 -21.74
N PRO A 66 5.36 12.68 -21.08
CA PRO A 66 6.47 12.97 -20.19
C PRO A 66 7.71 13.43 -20.96
N PRO A 67 8.68 14.08 -20.31
CA PRO A 67 8.77 14.26 -18.87
C PRO A 67 7.99 15.42 -18.30
N ASP A 68 7.62 16.41 -19.12
CA ASP A 68 7.01 17.61 -18.58
C ASP A 68 5.56 17.46 -18.24
N ASP A 69 4.84 16.56 -18.94
CA ASP A 69 3.42 16.32 -18.76
C ASP A 69 3.26 14.85 -18.33
N ILE A 70 3.08 14.64 -17.04
CA ILE A 70 2.95 13.28 -16.52
C ILE A 70 1.52 13.03 -16.05
N GLY A 71 1.17 11.75 -15.84
CA GLY A 71 -0.11 11.35 -15.30
C GLY A 71 -0.21 11.51 -13.79
N SER A 72 -0.06 12.74 -13.34
CA SER A 72 -0.24 13.08 -11.92
C SER A 72 -0.62 14.53 -11.86
N SER A 73 -1.26 14.91 -10.75
CA SER A 73 -1.50 16.30 -10.44
C SER A 73 -0.33 16.97 -9.72
N PHE A 74 0.62 16.17 -9.24
CA PHE A 74 1.83 16.61 -8.57
C PHE A 74 3.04 16.19 -9.39
N TYR A 75 4.23 16.66 -8.99
CA TYR A 75 5.45 16.37 -9.76
C TYR A 75 6.51 15.86 -8.81
N PRO A 76 7.11 14.67 -9.04
CA PRO A 76 8.10 14.16 -8.12
C PRO A 76 9.36 14.97 -8.08
N GLU A 77 9.97 15.05 -6.89
CA GLU A 77 11.33 15.58 -6.78
CA GLU A 77 11.33 15.59 -6.79
C GLU A 77 12.31 14.79 -7.66
N LEU A 78 12.07 13.46 -7.80
CA LEU A 78 12.90 12.62 -8.64
C LEU A 78 12.55 12.69 -10.12
N GLY A 79 11.61 13.54 -10.52
CA GLY A 79 11.18 13.62 -11.89
C GLY A 79 10.37 12.42 -12.35
N SER A 80 10.30 12.22 -13.67
CA SER A 80 9.60 11.08 -14.27
C SER A 80 10.52 9.87 -14.21
N TYR A 81 10.66 9.35 -12.99
CA TYR A 81 11.68 8.39 -12.63
C TYR A 81 11.36 6.98 -13.07
N SER A 82 12.39 6.13 -13.06
CA SER A 82 12.20 4.71 -13.28
C SER A 82 12.26 3.92 -12.00
N SER A 83 11.25 3.07 -11.79
CA SER A 83 11.20 2.19 -10.63
C SER A 83 12.36 1.21 -10.58
N ARG A 84 13.01 0.92 -11.72
CA ARG A 84 14.16 0.00 -11.72
C ARG A 84 15.47 0.72 -11.50
N ASP A 85 15.52 2.03 -11.46
CA ASP A 85 16.76 2.77 -11.24
C ASP A 85 17.19 2.55 -9.79
N PRO A 86 18.35 1.92 -9.55
CA PRO A 86 18.73 1.63 -8.16
C PRO A 86 18.84 2.87 -7.30
N SER A 87 19.21 4.02 -7.88
CA SER A 87 19.31 5.22 -7.10
CA SER A 87 19.30 5.28 -7.16
CA SER A 87 19.31 5.26 -7.11
C SER A 87 17.93 5.72 -6.66
N VAL A 88 16.91 5.51 -7.51
CA VAL A 88 15.54 5.81 -7.11
C VAL A 88 15.11 4.93 -5.96
N ILE A 89 15.33 3.63 -6.08
CA ILE A 89 14.87 2.72 -5.04
C ILE A 89 15.55 3.09 -3.71
N GLU A 90 16.86 3.39 -3.75
CA GLU A 90 17.55 3.79 -2.53
C GLU A 90 16.99 5.09 -1.95
N THR A 91 16.74 6.08 -2.80
CA THR A 91 16.11 7.32 -2.32
C THR A 91 14.78 7.03 -1.66
N HIS A 92 13.97 6.17 -2.27
CA HIS A 92 12.68 5.83 -1.67
C HIS A 92 12.87 5.20 -0.31
N MET A 93 13.80 4.27 -0.17
CA MET A 93 14.04 3.67 1.14
C MET A 93 14.46 4.69 2.16
N ARG A 94 15.33 5.62 1.77
CA ARG A 94 15.76 6.70 2.66
CA ARG A 94 15.73 6.66 2.71
C ARG A 94 14.53 7.52 3.10
N GLN A 95 13.63 7.81 2.17
CA GLN A 95 12.45 8.59 2.52
C GLN A 95 11.54 7.82 3.44
N MET A 96 11.35 6.52 3.23
CA MET A 96 10.52 5.75 4.14
CA MET A 96 10.56 5.70 4.15
C MET A 96 11.17 5.68 5.56
N ARG A 97 12.48 5.53 5.62
CA ARG A 97 13.10 5.60 6.91
CA ARG A 97 13.17 5.63 6.91
C ARG A 97 12.91 6.98 7.59
N SER A 98 12.98 8.07 6.81
CA SER A 98 12.79 9.37 7.43
CA SER A 98 12.74 9.45 7.29
C SER A 98 11.36 9.58 7.90
N ALA A 99 10.40 8.80 7.40
CA ALA A 99 9.01 8.81 7.87
C ALA A 99 8.78 7.81 9.01
N SER A 100 9.82 7.05 9.39
CA SER A 100 9.74 5.97 10.34
CA SER A 100 9.69 5.98 10.41
C SER A 100 8.67 4.94 9.99
N ILE A 101 8.61 4.64 8.70
CA ILE A 101 7.76 3.55 8.20
C ILE A 101 8.62 2.29 8.11
N GLY A 102 8.18 1.18 8.75
CA GLY A 102 8.97 -0.02 8.75
C GLY A 102 8.71 -0.99 7.62
N VAL A 103 7.57 -0.89 6.94
CA VAL A 103 7.14 -1.92 5.98
C VAL A 103 6.57 -1.28 4.75
N LEU A 104 7.03 -1.73 3.58
CA LEU A 104 6.48 -1.40 2.25
CA LEU A 104 6.40 -1.34 2.34
C LEU A 104 5.54 -2.53 1.83
N ALA A 105 4.30 -2.20 1.51
CA ALA A 105 3.34 -3.15 0.97
C ALA A 105 3.33 -2.98 -0.55
N LEU A 106 4.06 -3.86 -1.21
CA LEU A 106 4.39 -3.73 -2.62
C LEU A 106 3.24 -4.18 -3.51
N SER A 107 2.74 -3.28 -4.36
CA SER A 107 1.73 -3.66 -5.35
C SER A 107 2.31 -4.75 -6.24
N TRP A 108 1.58 -5.86 -6.39
CA TRP A 108 2.13 -7.03 -7.03
C TRP A 108 1.11 -7.67 -7.96
N TYR A 109 1.61 -7.97 -9.16
CA TYR A 109 0.94 -8.81 -10.15
C TYR A 109 1.77 -10.07 -10.33
N PRO A 110 1.11 -11.22 -10.55
CA PRO A 110 1.86 -12.38 -10.99
C PRO A 110 2.53 -12.09 -12.33
N PRO A 111 3.68 -12.68 -12.60
CA PRO A 111 4.41 -12.29 -13.83
C PRO A 111 3.70 -12.64 -15.09
N ASP A 112 2.85 -13.68 -15.05
CA ASP A 112 2.26 -14.17 -16.27
C ASP A 112 1.13 -13.33 -16.74
N VAL A 113 0.60 -12.40 -15.97
CA VAL A 113 -0.69 -11.84 -16.40
C VAL A 113 -0.45 -10.70 -17.45
N ASN A 114 -1.54 -10.43 -18.15
N ASN A 114 -1.41 -10.39 -18.31
CA ASN A 114 -1.64 -9.38 -19.17
CA ASN A 114 -1.22 -9.29 -19.34
C ASN A 114 -2.28 -8.14 -18.56
C ASN A 114 -0.05 -9.39 -20.35
N ASP A 115 -2.56 -8.18 -17.26
N ASP A 115 0.79 -8.34 -20.38
CA ASP A 115 -3.12 -7.06 -16.50
CA ASP A 115 1.66 -8.02 -21.55
C ASP A 115 -2.14 -5.92 -16.27
C ASP A 115 2.88 -8.91 -21.81
N GLU A 116 -0.91 -6.20 -16.68
N GLU A 116 2.87 -9.53 -22.98
CA GLU A 116 0.27 -5.27 -16.75
CA GLU A 116 3.95 -10.46 -23.38
C GLU A 116 1.12 -5.70 -17.96
C GLU A 116 5.28 -9.82 -23.81
N ASN A 117 2.20 -4.97 -18.44
N ASN A 117 5.17 -8.68 -24.47
CA ASN A 117 2.89 -5.54 -19.66
CA ASN A 117 6.39 -7.96 -24.88
C ASN A 117 4.33 -5.25 -20.15
C ASN A 117 6.86 -7.09 -23.72
N GLY A 118 4.91 -6.29 -20.74
N GLY A 118 6.13 -7.12 -22.60
CA GLY A 118 6.25 -6.23 -21.33
CA GLY A 118 6.45 -6.29 -21.45
C GLY A 118 7.29 -6.90 -20.43
C GLY A 118 7.39 -6.97 -20.46
N GLU A 119 7.80 -6.13 -19.48
N GLU A 119 7.84 -6.17 -19.49
CA GLU A 119 8.69 -6.67 -18.48
CA GLU A 119 8.74 -6.66 -18.46
C GLU A 119 7.95 -6.76 -17.16
N PRO A 120 7.74 -7.97 -16.62
CA PRO A 120 6.91 -8.09 -15.42
C PRO A 120 7.51 -7.36 -14.23
N THR A 121 6.67 -6.66 -13.47
CA THR A 121 7.15 -5.99 -12.27
C THR A 121 7.62 -6.97 -11.20
N ASP A 122 7.15 -8.22 -11.24
CA ASP A 122 7.68 -9.22 -10.29
C ASP A 122 9.19 -9.33 -10.39
N ASN A 123 9.78 -9.06 -11.56
CA ASN A 123 11.22 -9.16 -11.71
C ASN A 123 12.00 -8.07 -10.98
N LEU A 124 11.31 -7.05 -10.47
CA LEU A 124 11.99 -6.05 -9.63
C LEU A 124 11.99 -6.41 -8.14
N VAL A 125 11.19 -7.43 -7.76
CA VAL A 125 11.09 -7.71 -6.32
C VAL A 125 12.44 -8.01 -5.67
N PRO A 126 13.34 -8.81 -6.33
CA PRO A 126 14.62 -9.08 -5.65
C PRO A 126 15.40 -7.80 -5.35
N THR A 127 15.46 -6.86 -6.27
CA THR A 127 16.19 -5.60 -6.05
CA THR A 127 16.22 -5.64 -6.01
CA THR A 127 16.22 -5.65 -5.99
C THR A 127 15.55 -4.77 -4.95
N ILE A 128 14.21 -4.72 -4.95
CA ILE A 128 13.51 -4.01 -3.90
C ILE A 128 13.80 -4.60 -2.55
N LEU A 129 13.76 -5.94 -2.43
CA LEU A 129 14.14 -6.57 -1.17
C LEU A 129 15.55 -6.25 -0.75
N ASP A 130 16.49 -6.30 -1.69
CA ASP A 130 17.88 -6.01 -1.36
C ASP A 130 18.04 -4.58 -0.82
N LYS A 131 17.41 -3.62 -1.49
CA LYS A 131 17.52 -2.23 -1.04
C LYS A 131 16.78 -2.00 0.28
N ALA A 132 15.66 -2.65 0.45
CA ALA A 132 14.92 -2.58 1.70
C ALA A 132 15.81 -3.06 2.83
N HIS A 133 16.48 -4.19 2.61
CA HIS A 133 17.33 -4.73 3.64
C HIS A 133 18.48 -3.82 4.03
N LYS A 134 19.07 -3.12 3.05
CA LYS A 134 20.14 -2.16 3.33
C LYS A 134 19.70 -1.10 4.33
N TYR A 135 18.42 -0.73 4.35
CA TYR A 135 17.86 0.27 5.26
C TYR A 135 17.03 -0.30 6.39
N ASN A 136 17.08 -1.62 6.55
CA ASN A 136 16.34 -2.36 7.56
C ASN A 136 14.83 -2.31 7.44
N LEU A 137 14.33 -2.01 6.27
CA LEU A 137 12.92 -2.09 5.96
CA LEU A 137 12.89 -2.07 5.99
C LEU A 137 12.48 -3.50 5.64
N LYS A 138 11.18 -3.77 5.76
CA LYS A 138 10.58 -5.02 5.37
C LYS A 138 9.62 -4.82 4.22
N VAL A 139 9.36 -5.90 3.47
CA VAL A 139 8.52 -5.88 2.29
C VAL A 139 7.43 -6.93 2.41
N THR A 140 6.16 -6.46 2.28
CA THR A 140 5.04 -7.33 2.19
C THR A 140 4.32 -7.10 0.84
N PHE A 141 3.22 -7.83 0.61
CA PHE A 141 2.66 -7.92 -0.72
C PHE A 141 1.22 -7.46 -0.76
N HIS A 142 0.91 -6.65 -1.76
CA HIS A 142 -0.43 -6.10 -2.02
C HIS A 142 -0.89 -6.66 -3.36
N ILE A 143 -1.70 -7.69 -3.31
CA ILE A 143 -2.08 -8.46 -4.51
CA ILE A 143 -2.04 -8.46 -4.51
C ILE A 143 -3.17 -7.73 -5.27
N GLU A 144 -2.83 -7.27 -6.46
CA GLU A 144 -3.77 -6.55 -7.31
C GLU A 144 -4.74 -7.51 -8.00
N PRO A 145 -5.85 -7.00 -8.52
CA PRO A 145 -6.78 -7.87 -9.25
C PRO A 145 -6.12 -8.32 -10.55
N TYR A 146 -6.30 -9.56 -10.92
CA TYR A 146 -5.79 -10.09 -12.19
C TYR A 146 -6.84 -11.05 -12.71
N SER A 147 -6.71 -11.33 -14.02
CA SER A 147 -7.67 -12.15 -14.73
CA SER A 147 -7.66 -12.15 -14.75
C SER A 147 -7.85 -13.49 -14.07
N ASN A 148 -9.10 -13.83 -13.83
N ASN A 148 -9.10 -13.83 -13.80
CA ASN A 148 -9.47 -15.12 -13.26
CA ASN A 148 -9.47 -15.11 -13.24
C ASN A 148 -8.81 -15.37 -11.93
C ASN A 148 -8.78 -15.37 -11.93
N ARG A 149 -8.44 -14.29 -11.19
CA ARG A 149 -7.84 -14.46 -9.90
C ARG A 149 -8.86 -15.26 -9.12
N ASP A 150 -8.44 -16.39 -8.59
CA ASP A 150 -9.31 -17.31 -7.92
C ASP A 150 -8.53 -18.13 -6.86
N ASP A 151 -9.17 -19.09 -6.21
CA ASP A 151 -8.47 -19.92 -5.22
C ASP A 151 -7.26 -20.71 -5.74
N GLN A 152 -7.41 -21.24 -6.95
CA GLN A 152 -6.35 -22.09 -7.52
CA GLN A 152 -6.38 -22.10 -7.55
C GLN A 152 -5.10 -21.31 -7.85
N ASN A 153 -5.25 -20.21 -8.57
CA ASN A 153 -4.08 -19.41 -8.89
C ASN A 153 -3.58 -18.61 -7.70
N MET A 154 -4.46 -18.29 -6.73
CA MET A 154 -3.96 -17.66 -5.52
C MET A 154 -3.11 -18.63 -4.72
N TYR A 155 -3.49 -19.91 -4.64
CA TYR A 155 -2.61 -20.87 -3.98
C TYR A 155 -1.24 -20.86 -4.63
N LYS A 156 -1.23 -20.95 -5.95
CA LYS A 156 0.04 -20.96 -6.70
C LYS A 156 0.86 -19.71 -6.39
N ASN A 157 0.20 -18.55 -6.40
CA ASN A 157 0.91 -17.30 -6.24
C ASN A 157 1.42 -17.07 -4.81
N VAL A 158 0.64 -17.51 -3.82
CA VAL A 158 1.09 -17.46 -2.43
C VAL A 158 2.33 -18.33 -2.26
N LYS A 159 2.24 -19.57 -2.79
CA LYS A 159 3.36 -20.45 -2.74
C LYS A 159 4.59 -19.87 -3.45
N TYR A 160 4.36 -19.27 -4.61
CA TYR A 160 5.45 -18.65 -5.36
C TYR A 160 6.14 -17.56 -4.54
N ILE A 161 5.34 -16.65 -3.99
CA ILE A 161 5.91 -15.54 -3.23
C ILE A 161 6.72 -16.06 -2.04
N ILE A 162 6.15 -17.01 -1.30
CA ILE A 162 6.86 -17.51 -0.12
C ILE A 162 8.10 -18.31 -0.51
N ASP A 163 8.00 -19.15 -1.54
CA ASP A 163 9.15 -19.90 -1.99
C ASP A 163 10.26 -19.00 -2.53
N LYS A 164 9.90 -18.00 -3.33
CA LYS A 164 10.94 -17.17 -3.99
C LYS A 164 11.52 -16.13 -3.06
N TYR A 165 10.68 -15.53 -2.21
CA TYR A 165 11.06 -14.36 -1.44
C TYR A 165 11.11 -14.58 0.07
N GLY A 166 10.52 -15.68 0.56
CA GLY A 166 10.30 -15.84 1.97
C GLY A 166 11.55 -16.01 2.81
N ASN A 167 12.65 -16.43 2.20
CA ASN A 167 13.91 -16.54 2.91
C ASN A 167 14.71 -15.28 2.88
N HIS A 168 14.26 -14.25 2.18
CA HIS A 168 15.05 -13.04 2.13
C HIS A 168 14.99 -12.33 3.48
N PRO A 169 16.10 -11.75 3.96
CA PRO A 169 16.07 -11.08 5.26
C PRO A 169 15.10 -9.90 5.37
N ALA A 170 14.73 -9.28 4.25
CA ALA A 170 13.73 -8.18 4.25
C ALA A 170 12.31 -8.65 4.04
N PHE A 171 12.06 -9.94 3.90
CA PHE A 171 10.68 -10.40 3.74
C PHE A 171 9.88 -10.17 5.02
N TYR A 172 8.74 -9.54 4.94
CA TYR A 172 7.96 -9.22 6.13
C TYR A 172 7.21 -10.43 6.70
N ARG A 173 7.31 -10.60 8.00
CA ARG A 173 6.41 -11.45 8.74
C ARG A 173 5.93 -10.68 9.97
N TYR A 174 4.64 -10.75 10.23
CA TYR A 174 4.05 -10.14 11.41
C TYR A 174 4.37 -11.05 12.56
N LYS A 175 5.06 -10.48 13.57
CA LYS A 175 5.56 -11.25 14.71
CA LYS A 175 5.58 -11.23 14.71
C LYS A 175 4.52 -11.22 15.80
N ALA A 181 5.42 -16.07 13.63
CA ALA A 181 5.71 -15.07 12.56
C ALA A 181 5.03 -15.42 11.22
N LEU A 182 4.12 -14.60 10.74
CA LEU A 182 3.30 -14.92 9.59
C LEU A 182 3.51 -13.93 8.43
N PRO A 183 3.69 -14.44 7.20
CA PRO A 183 3.62 -13.56 6.04
C PRO A 183 2.24 -12.90 5.95
N MET A 184 2.19 -11.73 5.33
CA MET A 184 0.95 -11.01 5.11
C MET A 184 0.66 -10.80 3.63
N PHE A 185 -0.60 -10.87 3.28
CA PHE A 185 -1.06 -10.57 1.93
C PHE A 185 -2.26 -9.67 1.99
N TYR A 186 -2.14 -8.44 1.50
CA TYR A 186 -3.32 -7.59 1.26
C TYR A 186 -3.92 -7.96 -0.06
N VAL A 187 -5.24 -8.13 -0.12
CA VAL A 187 -5.89 -8.56 -1.38
C VAL A 187 -6.84 -7.46 -1.83
N TYR A 188 -6.39 -6.67 -2.82
CA TYR A 188 -7.17 -5.56 -3.29
C TYR A 188 -8.39 -6.04 -4.05
N ASP A 189 -9.55 -5.43 -3.80
CA ASP A 189 -10.80 -5.84 -4.46
C ASP A 189 -11.05 -7.33 -4.31
N SER A 190 -10.77 -7.84 -3.11
CA SER A 190 -11.01 -9.24 -2.81
C SER A 190 -12.44 -9.67 -3.09
N TYR A 191 -13.40 -8.76 -2.97
CA TYR A 191 -14.80 -9.13 -3.14
CA TYR A 191 -14.80 -9.13 -3.12
C TYR A 191 -15.15 -9.62 -4.53
N ILE A 192 -14.30 -9.37 -5.50
CA ILE A 192 -14.54 -9.89 -6.86
CA ILE A 192 -14.49 -9.89 -6.87
C ILE A 192 -14.61 -11.40 -6.88
N THR A 193 -13.82 -12.05 -6.03
CA THR A 193 -13.83 -13.51 -5.88
C THR A 193 -14.84 -13.84 -4.79
N LYS A 194 -15.69 -14.84 -5.04
CA LYS A 194 -16.79 -15.17 -4.14
C LYS A 194 -16.30 -15.87 -2.88
N PRO A 195 -17.06 -15.73 -1.76
CA PRO A 195 -16.60 -16.38 -0.53
C PRO A 195 -16.45 -17.86 -0.61
N GLU A 196 -17.30 -18.50 -1.42
CA GLU A 196 -17.21 -19.93 -1.56
CA GLU A 196 -17.27 -19.91 -1.65
C GLU A 196 -15.88 -20.35 -2.20
N LYS A 197 -15.30 -19.51 -3.04
CA LYS A 197 -13.99 -19.79 -3.60
C LYS A 197 -12.87 -19.42 -2.63
N TRP A 198 -12.96 -18.26 -1.98
CA TRP A 198 -11.91 -17.94 -1.00
C TRP A 198 -11.81 -19.00 0.08
N ALA A 199 -12.95 -19.57 0.49
CA ALA A 199 -12.94 -20.55 1.58
C ALA A 199 -12.11 -21.80 1.22
N ASN A 200 -12.02 -22.12 -0.08
CA ASN A 200 -11.23 -23.27 -0.47
C ASN A 200 -9.76 -23.06 -0.10
N LEU A 201 -9.31 -21.79 -0.15
CA LEU A 201 -7.94 -21.40 0.15
C LEU A 201 -7.71 -21.08 1.62
N LEU A 202 -8.69 -20.41 2.25
CA LEU A 202 -8.44 -19.71 3.52
C LEU A 202 -9.13 -20.32 4.73
N THR A 203 -9.84 -21.42 4.55
CA THR A 203 -10.44 -22.09 5.71
C THR A 203 -9.71 -23.38 5.92
N THR A 204 -9.70 -23.85 7.17
CA THR A 204 -9.02 -25.08 7.51
C THR A 204 -9.43 -26.29 6.67
N SER A 205 -10.72 -26.43 6.41
CA SER A 205 -11.22 -27.58 5.67
C SER A 205 -11.31 -27.33 4.17
N GLY A 206 -10.79 -26.19 3.68
CA GLY A 206 -10.95 -25.87 2.28
C GLY A 206 -10.21 -26.85 1.38
N SER A 207 -10.75 -27.05 0.17
CA SER A 207 -10.17 -28.01 -0.76
C SER A 207 -8.74 -27.71 -1.25
N ARG A 208 -8.29 -26.45 -1.12
CA ARG A 208 -6.95 -26.01 -1.53
CA ARG A 208 -6.95 -26.01 -1.53
C ARG A 208 -6.34 -25.13 -0.43
N SER A 209 -6.50 -25.57 0.80
CA SER A 209 -6.20 -24.73 1.95
C SER A 209 -4.71 -24.45 2.14
N ILE A 210 -4.36 -23.19 2.44
CA ILE A 210 -3.02 -22.86 2.93
C ILE A 210 -2.88 -22.94 4.45
N ARG A 211 -3.96 -23.23 5.16
CA ARG A 211 -3.86 -23.27 6.62
C ARG A 211 -3.03 -24.48 7.07
N ASN A 212 -2.24 -24.31 8.13
CA ASN A 212 -1.34 -25.33 8.72
CA ASN A 212 -1.46 -25.41 8.68
C ASN A 212 -0.38 -25.93 7.71
N SER A 213 0.08 -25.07 6.84
CA SER A 213 1.01 -25.48 5.86
C SER A 213 2.18 -24.48 5.94
N PRO A 214 3.26 -24.77 5.20
CA PRO A 214 4.36 -23.81 5.14
C PRO A 214 3.97 -22.47 4.47
N TYR A 215 2.79 -22.42 3.86
CA TYR A 215 2.33 -21.27 3.13
C TYR A 215 1.21 -20.51 3.84
N ASP A 216 1.04 -20.75 5.13
CA ASP A 216 0.03 -20.03 5.89
C ASP A 216 0.49 -18.58 6.01
N GLY A 217 -0.48 -17.73 6.21
CA GLY A 217 -0.23 -16.31 6.35
C GLY A 217 -1.44 -15.58 6.88
N LEU A 218 -1.32 -14.28 6.93
CA LEU A 218 -2.40 -13.37 7.29
C LEU A 218 -2.93 -12.70 6.04
N PHE A 219 -4.15 -13.05 5.68
CA PHE A 219 -4.78 -12.58 4.46
C PHE A 219 -5.77 -11.48 4.83
N ILE A 220 -5.58 -10.29 4.22
CA ILE A 220 -6.31 -9.09 4.56
C ILE A 220 -7.22 -8.70 3.41
N ALA A 221 -8.53 -8.73 3.64
CA ALA A 221 -9.51 -8.39 2.62
C ALA A 221 -9.76 -6.89 2.59
N LEU A 222 -10.06 -6.38 1.41
CA LEU A 222 -10.51 -5.00 1.26
C LEU A 222 -12.00 -4.94 1.56
N LEU A 223 -12.39 -4.15 2.53
CA LEU A 223 -13.81 -3.95 2.85
CA LEU A 223 -13.82 -3.94 2.81
C LEU A 223 -14.26 -2.66 2.22
N VAL A 224 -15.15 -2.74 1.25
CA VAL A 224 -15.75 -1.61 0.60
C VAL A 224 -17.10 -1.26 1.20
N GLU A 225 -18.06 -2.19 1.01
CA GLU A 225 -19.46 -2.01 1.45
CA GLU A 225 -19.45 -1.98 1.46
C GLU A 225 -19.68 -2.74 2.76
N GLU A 226 -20.47 -2.15 3.64
CA GLU A 226 -20.73 -2.78 4.93
C GLU A 226 -21.22 -4.20 4.79
N LYS A 227 -22.12 -4.43 3.84
CA LYS A 227 -22.83 -5.68 3.74
C LYS A 227 -21.88 -6.79 3.39
N HIS A 228 -20.70 -6.50 2.87
CA HIS A 228 -19.76 -7.53 2.54
C HIS A 228 -18.90 -8.01 3.73
N LYS A 229 -19.06 -7.43 4.92
CA LYS A 229 -18.22 -7.88 6.03
C LYS A 229 -18.53 -9.34 6.44
N TYR A 230 -19.76 -9.79 6.27
CA TYR A 230 -20.08 -11.18 6.62
C TYR A 230 -19.47 -12.17 5.64
N ASP A 231 -19.37 -11.77 4.38
CA ASP A 231 -18.65 -12.58 3.41
C ASP A 231 -17.18 -12.72 3.69
N ILE A 232 -16.57 -11.68 4.26
CA ILE A 232 -15.18 -11.74 4.65
C ILE A 232 -15.00 -12.85 5.69
N LEU A 233 -15.94 -12.94 6.66
CA LEU A 233 -15.92 -14.03 7.66
C LEU A 233 -16.05 -15.39 7.02
N GLN A 234 -16.99 -15.55 6.12
CA GLN A 234 -17.21 -16.85 5.46
C GLN A 234 -16.03 -17.27 4.61
N SER A 235 -15.33 -16.29 4.06
CA SER A 235 -14.20 -16.51 3.18
C SER A 235 -13.00 -17.08 3.93
N GLY A 236 -12.84 -16.73 5.22
CA GLY A 236 -11.69 -17.14 6.01
C GLY A 236 -10.55 -16.14 6.07
N PHE A 237 -10.78 -14.90 5.66
CA PHE A 237 -9.75 -13.88 5.80
C PHE A 237 -9.40 -13.64 7.27
N ASP A 238 -8.19 -13.17 7.50
CA ASP A 238 -7.66 -12.87 8.83
C ASP A 238 -7.87 -11.44 9.26
N GLY A 239 -8.16 -10.55 8.33
CA GLY A 239 -8.29 -9.14 8.65
C GLY A 239 -8.93 -8.39 7.54
N ILE A 240 -9.07 -7.07 7.77
CA ILE A 240 -9.60 -6.17 6.78
CA ILE A 240 -9.72 -6.12 6.86
C ILE A 240 -8.80 -4.91 6.75
N TYR A 241 -8.73 -4.32 5.54
CA TYR A 241 -8.18 -3.00 5.37
C TYR A 241 -9.15 -2.20 4.50
N THR A 242 -8.91 -0.88 4.42
CA THR A 242 -9.87 0.02 3.78
C THR A 242 -9.38 0.73 2.53
N TYR A 243 -8.06 0.86 2.42
CA TYR A 243 -7.28 1.46 1.31
C TYR A 243 -7.56 2.91 0.99
N PHE A 244 -8.76 3.28 0.56
CA PHE A 244 -8.92 4.53 -0.15
C PHE A 244 -8.63 5.71 0.72
N ALA A 245 -7.92 6.70 0.12
CA ALA A 245 -7.53 7.89 0.85
C ALA A 245 -8.63 8.94 1.01
N THR A 246 -9.69 8.84 0.20
CA THR A 246 -10.80 9.78 0.29
C THR A 246 -11.77 9.35 1.37
N ASN A 247 -11.89 10.18 2.42
CA ASN A 247 -12.85 9.98 3.48
C ASN A 247 -14.24 10.25 2.92
N GLY A 248 -15.04 9.21 2.83
CA GLY A 248 -16.39 9.31 2.24
C GLY A 248 -16.55 8.54 0.96
N PHE A 249 -15.48 8.07 0.33
CA PHE A 249 -15.64 7.37 -0.96
C PHE A 249 -16.38 6.04 -0.82
N THR A 250 -15.98 5.23 0.16
CA THR A 250 -16.66 3.95 0.44
C THR A 250 -17.07 3.93 1.89
N TYR A 251 -17.93 2.98 2.25
CA TYR A 251 -18.26 2.74 3.64
C TYR A 251 -16.94 2.51 4.44
N GLY A 252 -16.09 1.63 3.92
CA GLY A 252 -14.85 1.30 4.62
C GLY A 252 -13.89 2.46 4.77
N SER A 253 -13.85 3.35 3.79
CA SER A 253 -12.90 4.45 3.81
C SER A 253 -13.39 5.68 4.58
N SER A 254 -14.58 5.59 5.15
CA SER A 254 -15.17 6.74 5.85
C SER A 254 -14.90 6.64 7.34
N HIS A 255 -14.31 7.70 7.89
CA HIS A 255 -13.97 7.76 9.29
C HIS A 255 -15.16 7.52 10.21
N GLN A 256 -16.34 7.90 9.75
CA GLN A 256 -17.59 7.64 10.48
CA GLN A 256 -17.56 7.64 10.55
C GLN A 256 -17.75 6.17 10.89
N ASN A 257 -17.19 5.27 10.09
CA ASN A 257 -17.45 3.85 10.27
C ASN A 257 -16.30 3.09 10.92
N TRP A 258 -15.20 3.76 11.22
CA TRP A 258 -14.03 3.02 11.73
C TRP A 258 -14.26 2.45 13.12
N ALA A 259 -14.98 3.14 14.00
CA ALA A 259 -15.30 2.55 15.30
C ALA A 259 -16.10 1.27 15.12
N SER A 260 -17.08 1.30 14.23
CA SER A 260 -17.94 0.12 13.96
C SER A 260 -17.09 -1.01 13.40
N LEU A 261 -16.20 -0.72 12.48
CA LEU A 261 -15.37 -1.76 11.90
C LEU A 261 -14.43 -2.35 12.91
N LYS A 262 -13.89 -1.53 13.80
CA LYS A 262 -13.02 -2.04 14.84
C LYS A 262 -13.82 -2.96 15.80
N LEU A 263 -15.03 -2.54 16.16
CA LEU A 263 -15.89 -3.39 16.99
C LEU A 263 -16.15 -4.75 16.31
N PHE A 264 -16.44 -4.73 15.02
CA PHE A 264 -16.69 -5.95 14.26
C PHE A 264 -15.45 -6.84 14.26
N CYS A 265 -14.31 -6.23 13.98
CA CYS A 265 -13.08 -7.01 13.94
C CYS A 265 -12.73 -7.58 15.31
N ASP A 266 -12.98 -6.84 16.38
CA ASP A 266 -12.69 -7.36 17.72
C ASP A 266 -13.63 -8.53 18.06
N LYS A 267 -14.90 -8.41 17.66
CA LYS A 267 -15.89 -9.44 17.91
C LYS A 267 -15.52 -10.77 17.25
N TYR A 268 -14.99 -10.68 16.04
CA TYR A 268 -14.70 -11.85 15.23
C TYR A 268 -13.23 -12.17 15.10
N ASN A 269 -12.42 -11.58 15.95
CA ASN A 269 -11.01 -11.96 15.98
CA ASN A 269 -10.99 -11.81 16.02
C ASN A 269 -10.29 -11.68 14.67
N LEU A 270 -10.64 -10.57 14.01
CA LEU A 270 -9.98 -10.13 12.77
C LEU A 270 -9.04 -8.98 13.07
N ILE A 271 -8.00 -8.87 12.28
CA ILE A 271 -7.08 -7.71 12.34
CA ILE A 271 -7.11 -7.71 12.39
C ILE A 271 -7.67 -6.54 11.56
N PHE A 272 -7.91 -5.42 12.20
CA PHE A 272 -8.38 -4.21 11.52
C PHE A 272 -7.13 -3.36 11.17
N ILE A 273 -6.99 -3.07 9.88
CA ILE A 273 -5.88 -2.25 9.39
C ILE A 273 -6.47 -1.03 8.66
N PRO A 274 -6.72 0.07 9.38
CA PRO A 274 -7.21 1.26 8.70
C PRO A 274 -6.15 1.75 7.72
N SER A 275 -6.62 2.39 6.65
CA SER A 275 -5.73 3.01 5.71
C SER A 275 -5.95 4.52 5.72
N VAL A 276 -4.86 5.26 5.84
CA VAL A 276 -4.90 6.74 5.92
C VAL A 276 -4.13 7.32 4.77
N GLY A 277 -4.67 8.36 4.14
CA GLY A 277 -3.90 9.09 3.17
C GLY A 277 -3.87 10.57 3.38
N PRO A 278 -2.94 11.24 2.69
CA PRO A 278 -2.74 12.68 2.91
C PRO A 278 -3.65 13.58 2.14
N GLY A 279 -4.41 13.01 1.21
CA GLY A 279 -5.26 13.72 0.31
C GLY A 279 -5.61 12.78 -0.85
N TYR A 280 -6.34 13.28 -1.83
CA TYR A 280 -6.63 12.48 -3.04
C TYR A 280 -6.88 13.44 -4.18
N ILE A 281 -6.31 13.13 -5.33
CA ILE A 281 -6.72 13.81 -6.55
C ILE A 281 -6.25 13.00 -7.73
N ASP A 282 -7.22 12.54 -8.56
CA ASP A 282 -6.90 11.70 -9.72
C ASP A 282 -7.31 12.32 -11.00
N THR A 283 -7.55 13.65 -11.01
CA THR A 283 -8.21 14.24 -12.15
CA THR A 283 -8.14 14.38 -12.14
C THR A 283 -7.33 14.37 -13.39
N SER A 284 -6.02 14.17 -13.27
CA SER A 284 -5.17 14.11 -14.48
C SER A 284 -5.47 12.86 -15.30
N ILE A 285 -5.98 11.80 -14.68
CA ILE A 285 -6.33 10.57 -15.38
C ILE A 285 -7.83 10.25 -15.37
N ARG A 286 -8.60 10.82 -14.43
CA ARG A 286 -10.05 10.61 -14.33
C ARG A 286 -10.69 11.96 -14.15
N PRO A 287 -10.87 12.74 -15.22
CA PRO A 287 -11.32 14.13 -15.06
C PRO A 287 -12.72 14.27 -14.46
N TRP A 288 -13.49 13.20 -14.52
CA TRP A 288 -14.84 13.12 -14.01
C TRP A 288 -14.94 12.80 -12.54
N ASN A 289 -13.83 12.60 -11.85
CA ASN A 289 -13.86 12.12 -10.47
C ASN A 289 -13.53 13.18 -9.43
N THR A 290 -13.93 14.43 -9.71
CA THR A 290 -13.53 15.51 -8.83
C THR A 290 -14.27 15.47 -7.50
N GLN A 291 -15.41 14.78 -7.41
CA GLN A 291 -16.09 14.69 -6.14
C GLN A 291 -15.28 13.94 -5.07
N ASN A 292 -14.33 13.11 -5.53
CA ASN A 292 -13.48 12.37 -4.60
C ASN A 292 -12.16 13.08 -4.31
N THR A 293 -11.94 14.24 -4.90
CA THR A 293 -10.78 15.03 -4.56
C THR A 293 -10.85 15.46 -3.12
N ARG A 294 -9.71 15.38 -2.40
CA ARG A 294 -9.58 15.94 -1.07
C ARG A 294 -8.32 16.78 -1.04
N ASN A 295 -8.51 18.07 -0.83
CA ASN A 295 -7.41 18.99 -0.62
CA ASN A 295 -7.42 19.00 -0.59
C ASN A 295 -6.62 18.56 0.62
N ARG A 296 -5.32 18.75 0.57
CA ARG A 296 -4.47 18.35 1.67
C ARG A 296 -4.56 19.27 2.91
N ILE A 297 -5.09 20.47 2.71
CA ILE A 297 -5.20 21.43 3.83
C ILE A 297 -3.82 21.65 4.47
N ASN A 298 -2.79 21.69 3.59
CA ASN A 298 -1.42 21.98 4.06
C ASN A 298 -0.96 21.05 5.16
N GLY A 299 -1.45 19.78 5.09
CA GLY A 299 -1.07 18.72 6.04
C GLY A 299 -2.19 18.31 6.98
N LYS A 300 -3.20 19.16 7.16
CA LYS A 300 -4.20 18.87 8.19
C LYS A 300 -5.08 17.68 7.84
N TYR A 301 -5.40 17.48 6.56
CA TYR A 301 -6.21 16.32 6.21
C TYR A 301 -5.51 15.03 6.68
N TYR A 302 -4.22 14.93 6.42
CA TYR A 302 -3.42 13.76 6.81
C TYR A 302 -3.42 13.61 8.32
N GLU A 303 -3.16 14.68 9.05
CA GLU A 303 -3.14 14.60 10.49
C GLU A 303 -4.49 14.18 11.12
N ILE A 304 -5.56 14.70 10.52
CA ILE A 304 -6.90 14.30 10.98
C ILE A 304 -7.10 12.79 10.78
N GLY A 305 -6.70 12.30 9.61
CA GLY A 305 -6.84 10.86 9.35
C GLY A 305 -5.95 10.01 10.24
N LEU A 306 -4.73 10.46 10.48
CA LEU A 306 -3.86 9.70 11.35
C LEU A 306 -4.42 9.63 12.78
N SER A 307 -4.95 10.75 13.27
CA SER A 307 -5.61 10.75 14.55
C SER A 307 -6.77 9.76 14.60
N ALA A 308 -7.58 9.74 13.55
CA ALA A 308 -8.70 8.83 13.46
C ALA A 308 -8.23 7.38 13.55
N ALA A 309 -7.18 7.04 12.81
CA ALA A 309 -6.67 5.67 12.83
C ALA A 309 -6.11 5.32 14.19
N LEU A 310 -5.24 6.16 14.75
CA LEU A 310 -4.56 5.76 15.99
CA LEU A 310 -4.56 5.82 15.98
C LEU A 310 -5.56 5.47 17.10
N GLN A 311 -6.62 6.23 17.19
CA GLN A 311 -7.50 6.08 18.35
C GLN A 311 -8.39 4.84 18.28
N THR A 312 -8.40 4.12 17.16
CA THR A 312 -9.02 2.82 17.11
C THR A 312 -8.17 1.72 17.77
N ARG A 313 -6.96 2.07 18.21
CA ARG A 313 -6.03 1.10 18.79
C ARG A 313 -5.82 -0.08 17.91
N PRO A 314 -5.43 0.15 16.65
CA PRO A 314 -5.31 -0.95 15.70
C PRO A 314 -3.99 -1.66 15.85
N SER A 315 -3.92 -2.89 15.42
CA SER A 315 -2.71 -3.68 15.47
C SER A 315 -1.70 -3.28 14.41
N LEU A 316 -2.18 -2.73 13.30
CA LEU A 316 -1.32 -2.17 12.25
C LEU A 316 -2.05 -0.96 11.68
N ILE A 317 -1.28 -0.04 11.06
CA ILE A 317 -1.85 1.06 10.28
C ILE A 317 -1.21 1.00 8.94
N SER A 318 -1.99 1.29 7.89
CA SER A 318 -1.45 1.38 6.54
C SER A 318 -1.64 2.79 6.01
N ILE A 319 -0.69 3.22 5.18
CA ILE A 319 -0.67 4.53 4.57
CA ILE A 319 -0.66 4.54 4.58
C ILE A 319 -0.85 4.39 3.07
N THR A 320 -1.86 5.09 2.55
CA THR A 320 -2.15 5.19 1.14
C THR A 320 -1.76 6.56 0.69
N SER A 321 -0.57 6.80 0.11
CA SER A 321 0.37 5.81 -0.40
C SER A 321 1.76 6.41 -0.33
N PHE A 322 2.77 5.59 -0.63
CA PHE A 322 4.09 6.18 -0.83
C PHE A 322 4.11 6.93 -2.15
N ASN A 323 3.66 6.29 -3.23
CA ASN A 323 3.90 6.78 -4.58
C ASN A 323 2.84 6.34 -5.59
N GLN A 324 1.57 6.42 -5.19
CA GLN A 324 0.49 6.32 -6.19
C GLN A 324 0.24 7.75 -6.71
N TRP A 325 1.13 8.15 -7.64
CA TRP A 325 1.11 9.54 -8.15
C TRP A 325 -0.11 9.81 -8.99
N HIS A 326 -0.69 8.80 -9.66
CA HIS A 326 -1.88 9.05 -10.47
C HIS A 326 -3.03 9.53 -9.64
N GLU A 327 -3.14 8.96 -8.42
CA GLU A 327 -4.24 9.25 -7.52
C GLU A 327 -3.95 10.35 -6.52
N GLY A 328 -2.75 10.90 -6.55
CA GLY A 328 -2.45 12.05 -5.70
C GLY A 328 -2.47 11.76 -4.24
N THR A 329 -2.15 10.52 -3.87
CA THR A 329 -2.12 10.09 -2.47
C THR A 329 -0.72 9.96 -1.95
N GLN A 330 0.28 10.32 -2.78
CA GLN A 330 1.68 10.05 -2.41
C GLN A 330 2.14 10.90 -1.22
N ILE A 331 2.99 10.30 -0.39
CA ILE A 331 3.78 11.03 0.60
C ILE A 331 5.21 11.28 0.14
N GLU A 332 5.63 10.63 -0.97
CA GLU A 332 6.93 10.87 -1.57
C GLU A 332 7.13 12.36 -1.83
N LYS A 333 8.38 12.80 -1.77
CA LYS A 333 8.72 14.21 -2.04
CA LYS A 333 8.72 14.20 -2.02
C LYS A 333 8.24 14.65 -3.39
N ALA A 334 7.55 15.81 -3.41
CA ALA A 334 7.03 16.47 -4.61
C ALA A 334 7.56 17.91 -4.61
N VAL A 335 7.73 18.46 -5.79
CA VAL A 335 8.27 19.83 -5.92
C VAL A 335 7.35 20.67 -6.74
N PRO A 336 7.42 22.01 -6.57
CA PRO A 336 6.73 22.89 -7.48
C PRO A 336 7.22 22.69 -8.90
N LYS A 337 6.31 22.81 -9.86
CA LYS A 337 6.63 22.65 -11.28
C LYS A 337 5.63 23.40 -12.12
N ARG A 338 6.15 24.31 -12.96
N ARG A 338 6.16 24.32 -12.94
CA ARG A 338 5.36 25.09 -13.91
CA ARG A 338 5.42 25.08 -13.94
C ARG A 338 6.05 24.88 -15.27
C ARG A 338 6.07 24.84 -15.27
N THR A 339 5.27 24.58 -16.29
CA THR A 339 5.78 24.51 -17.64
C THR A 339 5.00 25.53 -18.46
N SER A 340 5.24 25.60 -19.77
CA SER A 340 4.43 26.48 -20.62
C SER A 340 2.96 26.01 -20.71
N ASN A 341 2.70 24.75 -20.34
CA ASN A 341 1.38 24.13 -20.52
CA ASN A 341 1.38 24.13 -20.53
C ASN A 341 0.63 23.81 -19.25
N THR A 342 1.32 23.74 -18.11
CA THR A 342 0.63 23.32 -16.88
C THR A 342 1.33 23.84 -15.66
N VAL A 343 0.58 23.91 -14.58
CA VAL A 343 1.06 24.21 -13.24
C VAL A 343 0.62 23.06 -12.36
N TYR A 344 1.58 22.34 -11.80
CA TYR A 344 1.27 21.22 -10.89
C TYR A 344 0.90 21.72 -9.50
N LEU A 345 0.15 20.89 -8.78
CA LEU A 345 0.02 21.05 -7.34
C LEU A 345 1.36 20.75 -6.70
N ASP A 346 1.54 21.21 -5.47
CA ASP A 346 2.78 20.97 -4.70
C ASP A 346 2.48 21.11 -3.24
N TYR A 347 3.53 21.04 -2.39
CA TYR A 347 3.38 21.08 -0.96
C TYR A 347 3.67 22.44 -0.37
N ARG A 348 3.82 23.47 -1.19
CA ARG A 348 4.06 24.81 -0.69
C ARG A 348 2.91 25.25 0.22
N PRO A 349 3.18 26.01 1.29
CA PRO A 349 4.45 26.68 1.60
C PRO A 349 5.45 25.84 2.35
N HIS A 350 5.18 24.53 2.54
CA HIS A 350 6.08 23.62 3.22
C HIS A 350 7.08 23.03 2.24
N LYS A 351 7.97 22.21 2.78
CA LYS A 351 9.04 21.58 2.03
C LYS A 351 8.53 20.31 1.33
N PRO A 352 9.34 19.81 0.39
CA PRO A 352 8.94 18.55 -0.30
C PRO A 352 8.77 17.38 0.63
N GLY A 353 9.48 17.37 1.76
CA GLY A 353 9.39 16.30 2.74
C GLY A 353 8.28 16.47 3.78
N LEU A 354 7.36 17.41 3.60
CA LEU A 354 6.32 17.65 4.60
C LEU A 354 5.64 16.35 5.08
N TYR A 355 5.20 15.52 4.13
CA TYR A 355 4.43 14.35 4.48
C TYR A 355 5.27 13.27 5.12
N LEU A 356 6.54 13.20 4.79
CA LEU A 356 7.45 12.31 5.50
C LEU A 356 7.57 12.75 6.96
N GLU A 357 7.70 14.08 7.17
CA GLU A 357 7.82 14.59 8.53
CA GLU A 357 7.81 14.63 8.51
C GLU A 357 6.52 14.37 9.33
N LEU A 358 5.38 14.60 8.71
CA LEU A 358 4.12 14.35 9.43
C LEU A 358 3.95 12.87 9.74
N THR A 359 4.37 12.01 8.80
CA THR A 359 4.30 10.59 9.08
C THR A 359 5.16 10.21 10.27
N ARG A 360 6.38 10.76 10.33
CA ARG A 360 7.27 10.44 11.41
CA ARG A 360 7.29 10.45 11.44
C ARG A 360 6.64 10.83 12.75
N LYS A 361 6.06 12.03 12.81
CA LYS A 361 5.42 12.49 14.03
C LYS A 361 4.36 11.50 14.53
N TRP A 362 3.49 11.08 13.63
CA TRP A 362 2.42 10.18 14.01
C TRP A 362 2.88 8.75 14.18
N SER A 363 3.90 8.34 13.44
CA SER A 363 4.47 7.03 13.60
C SER A 363 5.03 6.86 14.99
N GLU A 364 5.70 7.89 15.50
CA GLU A 364 6.23 7.89 16.82
C GLU A 364 5.13 7.83 17.88
N LYS A 365 4.07 8.63 17.68
CA LYS A 365 2.93 8.58 18.60
CA LYS A 365 2.86 8.58 18.55
CA LYS A 365 2.94 8.57 18.64
C LYS A 365 2.31 7.17 18.62
N TYR A 366 2.16 6.58 17.45
CA TYR A 366 1.58 5.24 17.35
C TYR A 366 2.46 4.20 18.05
N SER A 367 3.75 4.29 17.81
CA SER A 367 4.68 3.35 18.42
C SER A 367 4.54 3.38 19.93
N LYS A 368 4.50 4.57 20.50
CA LYS A 368 4.38 4.76 21.92
CA LYS A 368 4.38 4.76 21.91
C LYS A 368 3.06 4.19 22.46
N GLU A 369 1.97 4.53 21.78
CA GLU A 369 0.66 4.08 22.24
C GLU A 369 0.49 2.59 22.09
N ARG A 370 0.95 2.05 20.96
CA ARG A 370 0.75 0.61 20.70
C ARG A 370 1.43 -0.24 21.74
N ALA A 371 2.60 0.20 22.22
CA ALA A 371 3.33 -0.54 23.25
C ALA A 371 2.50 -0.68 24.53
N THR A 372 1.48 0.15 24.75
CA THR A 372 0.57 0.05 25.91
C THR A 372 -0.70 -0.81 25.68
N TYR A 373 -0.96 -1.31 24.46
CA TYR A 373 -2.21 -2.08 24.17
C TYR A 373 -2.16 -3.46 24.79
N ALA A 374 -3.32 -4.07 25.01
CA ALA A 374 -3.36 -5.47 25.50
C ALA A 374 -2.69 -6.45 24.51
N LEU A 375 -2.81 -6.17 23.21
CA LEU A 375 -2.09 -6.90 22.13
C LEU A 375 -0.60 -7.08 22.41
N ASP A 376 0.04 -5.99 22.80
CA ASP A 376 1.49 -6.00 23.06
C ASP A 376 1.88 -6.42 24.49
N ARG A 377 0.90 -6.50 25.41
CA ARG A 377 1.16 -6.86 26.82
CA ARG A 377 1.12 -6.85 26.82
C ARG A 377 0.86 -8.32 27.19
N GLN A 378 0.26 -9.09 26.28
CA GLN A 378 -0.05 -10.49 26.53
C GLN A 378 1.27 -11.27 26.63
N LEU A 379 1.37 -12.14 27.62
CA LEU A 379 2.55 -12.93 27.83
C LEU A 379 2.35 -14.43 27.64
N PRO A 380 3.36 -15.06 27.09
CA PRO A 380 3.32 -16.48 26.96
C PRO A 380 3.39 -17.18 28.29
N VAL A 381 3.05 -18.45 28.26
CA VAL A 381 3.04 -19.33 29.40
CA VAL A 381 3.18 -19.31 29.44
C VAL A 381 3.65 -20.67 28.95
N SER A 382 4.37 -21.36 29.80
CA SER A 382 4.96 -22.62 29.39
C SER A 382 3.89 -23.64 28.92
C1 MMA B . -14.12 1.43 -8.08
C2 MMA B . -12.77 0.77 -8.14
C3 MMA B . -12.72 -0.55 -7.36
C4 MMA B . -13.20 -0.27 -5.92
C5 MMA B . -14.54 0.44 -5.92
C6 MMA B . -14.95 0.89 -4.55
C7 MMA B . -16.38 1.06 -8.83
O1 MMA B . -15.03 0.57 -8.75
O2 MMA B . -11.82 1.67 -7.52
O3 MMA B . -11.39 -0.99 -7.41
O4 MMA B . -13.32 -1.44 -5.14
O5 MMA B . -14.52 1.62 -6.73
O6 MMA B . -16.35 1.33 -4.61
C1 MAN B . -10.82 2.04 -8.47
C2 MAN B . -9.59 2.51 -7.67
C3 MAN B . -9.86 3.81 -6.97
C4 MAN B . -10.39 4.82 -7.96
C5 MAN B . -11.68 4.29 -8.59
C6 MAN B . -12.31 5.30 -9.55
O2 MAN B . -8.50 2.67 -8.59
O3 MAN B . -8.65 4.26 -6.38
O4 MAN B . -10.65 6.02 -7.25
O5 MAN B . -11.34 3.09 -9.28
O6 MAN B . -13.54 4.76 -10.03
S SO4 C . 15.71 0.54 13.19
O1 SO4 C . 16.62 0.12 14.27
O2 SO4 C . 15.79 1.99 13.04
O3 SO4 C . 14.35 0.24 13.61
O4 SO4 C . 16.15 -0.05 11.92
#